data_2XNC
#
_entry.id   2XNC
#
_cell.length_a   113.425
_cell.length_b   140.259
_cell.length_c   51.216
_cell.angle_alpha   90.00
_cell.angle_beta   90.00
_cell.angle_gamma   90.00
#
_symmetry.space_group_name_H-M   'P 21 21 2'
#
loop_
_entity.id
_entity.type
_entity.pdbx_description
1 polymer 'FERREDOXIN--NADP REDUCTASE, LEAF ISOZYME, CHLOROPLASTIC'
2 non-polymer 'FLAVIN-ADENINE DINUCLEOTIDE'
3 non-polymer 'SULFATE ION'
4 water water
#
_entity_poly.entity_id   1
_entity_poly.type   'polypeptide(L)'
_entity_poly.pdbx_seq_one_letter_code
;GSMAAAGRRIPGYRAQVTTEAPAKVVKHSKKQDENIVVNKFKPKEPYVGRCLLNTKITGDDAPGETWHMVFSTEGEVPYR
EGQSIGIVPDGIDKNGKPHKLRLYSIASSAIGDFGDSKTVSLCVKRVPDGVCSNFLCDLKPGSEVKITGPVGKEMLMPKD
PNATVIMLGTGTGIAPFRSFLWKMFFEKHEDYQFNGLAWLFLGVPTSSSLLYKEEFEKMKEKAPENFRLDFAVSREQVND
KGEKMYIQTRMAQYAEELWELLKKDNTFVYMCGLKGMEKGIDDIMVSLAAKDGIDWIEYKRTLKKAEQWNVEVYW
;
_entity_poly.pdbx_strand_id   A,B
#
# COMPACT_ATOMS: atom_id res chain seq x y z
N SER A 29 -6.86 32.24 -5.02
CA SER A 29 -6.95 32.11 -6.47
C SER A 29 -8.02 31.06 -6.90
N LYS A 30 -8.22 30.90 -8.26
CA LYS A 30 -9.10 29.91 -8.90
C LYS A 30 -8.61 28.50 -8.59
N LYS A 31 -7.32 28.40 -8.19
CA LYS A 31 -6.59 27.17 -7.87
C LYS A 31 -6.78 26.73 -6.40
N GLN A 32 -5.96 25.77 -5.94
CA GLN A 32 -5.94 25.21 -4.59
C GLN A 32 -4.57 25.57 -4.03
N ASP A 33 -4.46 26.84 -3.60
CA ASP A 33 -3.24 27.44 -3.06
C ASP A 33 -3.40 27.92 -1.61
N GLU A 34 -4.40 27.35 -0.89
CA GLU A 34 -4.70 27.70 0.50
C GLU A 34 -3.57 27.33 1.44
N ASN A 35 -2.68 28.29 1.68
CA ASN A 35 -1.48 28.17 2.52
C ASN A 35 -0.56 27.04 2.03
N ILE A 36 -0.24 27.08 0.72
CA ILE A 36 0.63 26.10 0.06
C ILE A 36 2.05 26.17 0.60
N VAL A 37 2.74 25.02 0.54
CA VAL A 37 4.13 24.90 0.98
C VAL A 37 5.01 24.61 -0.23
N VAL A 38 5.97 25.51 -0.43
CA VAL A 38 6.97 25.45 -1.48
C VAL A 38 8.32 25.64 -0.78
N ASN A 39 9.29 24.79 -1.12
CA ASN A 39 10.65 24.80 -0.56
C ASN A 39 10.72 24.77 0.98
N LYS A 40 10.41 23.59 1.55
CA LYS A 40 10.54 23.31 2.97
C LYS A 40 11.92 22.67 3.09
N PHE A 41 12.33 21.90 2.04
CA PHE A 41 13.65 21.23 2.00
C PHE A 41 14.48 21.72 0.82
N LYS A 42 15.64 22.34 1.11
CA LYS A 42 16.60 22.89 0.15
C LYS A 42 17.65 21.81 -0.22
N PRO A 43 18.41 21.94 -1.34
CA PRO A 43 19.39 20.90 -1.69
C PRO A 43 20.54 20.69 -0.70
N LYS A 44 20.84 21.70 0.15
CA LYS A 44 21.89 21.64 1.16
C LYS A 44 21.50 20.67 2.28
N GLU A 45 20.25 20.78 2.79
CA GLU A 45 19.71 19.89 3.81
C GLU A 45 18.40 19.27 3.29
N PRO A 46 18.48 18.26 2.41
CA PRO A 46 17.24 17.66 1.87
C PRO A 46 16.61 16.67 2.85
N TYR A 47 15.31 16.35 2.64
CA TYR A 47 14.61 15.35 3.45
C TYR A 47 15.09 13.99 2.96
N VAL A 48 15.62 13.20 3.89
CA VAL A 48 16.16 11.88 3.58
C VAL A 48 15.08 10.80 3.79
N GLY A 49 14.28 10.60 2.76
CA GLY A 49 13.23 9.57 2.74
C GLY A 49 13.83 8.23 2.40
N ARG A 50 13.00 7.18 2.29
CA ARG A 50 13.44 5.84 1.94
C ARG A 50 12.48 5.18 0.97
N CYS A 51 13.02 4.43 0.00
CA CYS A 51 12.22 3.72 -1.00
C CYS A 51 11.42 2.57 -0.36
N LEU A 52 10.09 2.52 -0.64
CA LEU A 52 9.19 1.47 -0.13
C LEU A 52 8.81 0.47 -1.25
N LEU A 53 8.52 1.00 -2.45
CA LEU A 53 8.17 0.27 -3.66
C LEU A 53 8.96 0.88 -4.80
N ASN A 54 9.15 0.14 -5.91
CA ASN A 54 9.81 0.54 -7.18
C ASN A 54 9.48 -0.53 -8.26
N THR A 55 8.43 -0.27 -9.07
CA THR A 55 7.94 -1.17 -10.10
C THR A 55 8.03 -0.56 -11.48
N LYS A 56 8.50 -1.36 -12.45
CA LYS A 56 8.53 -0.97 -13.85
C LYS A 56 7.07 -1.10 -14.32
N ILE A 57 6.44 0.04 -14.68
CA ILE A 57 5.04 0.07 -15.13
C ILE A 57 4.90 -0.19 -16.61
N THR A 58 5.99 0.04 -17.37
CA THR A 58 5.98 -0.20 -18.81
C THR A 58 6.22 -1.69 -19.12
N GLY A 59 5.71 -2.13 -20.26
CA GLY A 59 5.86 -3.50 -20.74
C GLY A 59 7.30 -3.81 -21.11
N ASP A 60 7.61 -5.11 -21.25
CA ASP A 60 8.96 -5.56 -21.58
C ASP A 60 9.32 -5.21 -23.01
N ASP A 61 8.31 -5.09 -23.89
CA ASP A 61 8.48 -4.72 -25.27
C ASP A 61 8.18 -3.23 -25.53
N ALA A 62 8.42 -2.39 -24.49
CA ALA A 62 8.26 -0.92 -24.52
C ALA A 62 9.55 -0.25 -24.99
N PRO A 63 9.45 0.85 -25.81
CA PRO A 63 10.66 1.54 -26.33
C PRO A 63 11.76 1.85 -25.31
N GLY A 64 11.34 2.27 -24.12
CA GLY A 64 12.19 2.55 -22.98
C GLY A 64 11.56 1.96 -21.74
N GLU A 65 11.82 2.54 -20.57
CA GLU A 65 11.23 2.06 -19.34
C GLU A 65 10.95 3.14 -18.31
N THR A 66 9.67 3.20 -17.88
CA THR A 66 9.15 4.12 -16.88
C THR A 66 8.85 3.31 -15.62
N TRP A 67 9.32 3.81 -14.48
CA TRP A 67 9.18 3.16 -13.18
C TRP A 67 8.39 4.00 -12.20
N HIS A 68 7.44 3.34 -11.52
CA HIS A 68 6.63 3.92 -10.47
C HIS A 68 7.27 3.47 -9.17
N MET A 69 7.66 4.42 -8.34
CA MET A 69 8.31 4.19 -7.05
C MET A 69 7.57 4.97 -5.97
N VAL A 70 7.59 4.44 -4.74
CA VAL A 70 6.94 5.07 -3.60
C VAL A 70 8.01 5.26 -2.51
N PHE A 71 8.13 6.48 -1.98
CA PHE A 71 9.08 6.79 -0.92
C PHE A 71 8.36 7.21 0.33
N SER A 72 8.99 6.97 1.49
CA SER A 72 8.45 7.37 2.78
C SER A 72 8.75 8.86 2.96
N THR A 73 7.78 9.58 3.55
CA THR A 73 7.90 11.01 3.83
C THR A 73 7.58 11.27 5.25
N GLU A 74 6.88 10.31 5.90
CA GLU A 74 6.38 10.36 7.29
C GLU A 74 5.60 11.65 7.57
N GLY A 75 4.99 12.17 6.51
CA GLY A 75 4.22 13.42 6.54
C GLY A 75 5.10 14.62 6.79
N GLU A 76 6.32 14.63 6.21
CA GLU A 76 7.24 15.74 6.39
C GLU A 76 7.17 16.68 5.20
N VAL A 77 6.93 16.12 3.99
CA VAL A 77 6.82 16.89 2.75
C VAL A 77 5.32 17.26 2.53
N PRO A 78 4.87 18.50 2.89
CA PRO A 78 3.44 18.83 2.71
C PRO A 78 3.12 19.28 1.29
N TYR A 79 3.21 18.32 0.35
CA TYR A 79 2.94 18.53 -1.06
C TYR A 79 1.45 18.49 -1.38
N ARG A 80 1.08 19.00 -2.53
CA ARG A 80 -0.30 19.03 -3.00
C ARG A 80 -0.34 18.43 -4.42
N GLU A 81 -1.56 18.11 -4.94
CA GLU A 81 -1.77 17.62 -6.30
C GLU A 81 -1.32 18.73 -7.24
N GLY A 82 -0.41 18.38 -8.14
CA GLY A 82 0.19 19.30 -9.10
C GLY A 82 1.64 19.64 -8.81
N GLN A 83 2.02 19.65 -7.52
CA GLN A 83 3.39 19.92 -7.07
C GLN A 83 4.40 18.85 -7.54
N SER A 84 5.69 19.24 -7.52
CA SER A 84 6.81 18.38 -7.88
C SER A 84 7.78 18.32 -6.68
N ILE A 85 8.68 17.33 -6.68
CA ILE A 85 9.72 17.20 -5.66
C ILE A 85 11.05 17.13 -6.36
N GLY A 86 12.10 17.56 -5.67
CA GLY A 86 13.45 17.48 -6.22
C GLY A 86 14.12 16.21 -5.73
N ILE A 87 14.98 15.64 -6.57
CA ILE A 87 15.72 14.45 -6.20
C ILE A 87 17.18 14.77 -6.46
N VAL A 88 17.98 14.76 -5.38
CA VAL A 88 19.41 14.98 -5.48
C VAL A 88 19.96 13.55 -5.60
N PRO A 89 20.39 13.14 -6.80
CA PRO A 89 20.88 11.76 -6.97
C PRO A 89 22.22 11.55 -6.28
N ASP A 90 22.40 10.37 -5.68
CA ASP A 90 23.61 9.97 -4.98
C ASP A 90 24.76 9.93 -6.01
N GLY A 91 25.83 10.67 -5.74
CA GLY A 91 26.97 10.75 -6.66
C GLY A 91 27.65 12.11 -6.72
N ILE A 92 28.75 12.16 -7.50
CA ILE A 92 29.60 13.33 -7.68
C ILE A 92 29.68 13.76 -9.16
N ASP A 93 29.89 15.07 -9.41
CA ASP A 93 30.01 15.62 -10.77
C ASP A 93 31.47 15.56 -11.30
N LYS A 94 31.74 16.23 -12.44
CA LYS A 94 33.06 16.26 -13.09
C LYS A 94 34.10 17.06 -12.27
N ASN A 95 33.65 18.00 -11.42
CA ASN A 95 34.53 18.86 -10.63
C ASN A 95 34.45 18.61 -9.10
N GLY A 96 34.22 17.34 -8.72
CA GLY A 96 34.13 16.88 -7.33
C GLY A 96 33.16 17.63 -6.44
N LYS A 97 31.88 17.72 -6.85
CA LYS A 97 30.82 18.41 -6.12
C LYS A 97 29.52 17.57 -6.17
N PRO A 98 28.63 17.62 -5.13
CA PRO A 98 27.38 16.82 -5.18
C PRO A 98 26.48 17.19 -6.36
N HIS A 99 25.74 16.19 -6.89
CA HIS A 99 24.86 16.42 -8.05
C HIS A 99 23.76 17.45 -7.84
N LYS A 100 23.33 18.06 -8.94
CA LYS A 100 22.28 19.07 -8.99
C LYS A 100 20.92 18.39 -8.82
N LEU A 101 19.91 19.09 -8.28
CA LEU A 101 18.59 18.49 -8.12
C LEU A 101 17.83 18.42 -9.47
N ARG A 102 17.09 17.34 -9.66
CA ARG A 102 16.25 17.11 -10.83
C ARG A 102 14.82 17.03 -10.34
N LEU A 103 13.95 17.82 -10.97
CA LEU A 103 12.54 17.87 -10.61
C LEU A 103 11.73 16.72 -11.18
N TYR A 104 10.69 16.31 -10.44
CA TYR A 104 9.79 15.23 -10.83
C TYR A 104 8.39 15.52 -10.32
N SER A 105 7.42 15.53 -11.21
CA SER A 105 6.00 15.76 -10.90
C SER A 105 5.51 14.62 -10.01
N ILE A 106 4.84 14.95 -8.90
CA ILE A 106 4.37 13.93 -7.97
C ILE A 106 3.20 13.16 -8.57
N ALA A 107 3.40 11.85 -8.78
CA ALA A 107 2.45 10.91 -9.37
C ALA A 107 1.30 10.56 -8.43
N SER A 108 1.48 10.79 -7.11
CA SER A 108 0.51 10.47 -6.07
C SER A 108 -0.21 11.68 -5.55
N SER A 109 -1.45 11.48 -5.07
CA SER A 109 -2.27 12.53 -4.47
C SER A 109 -1.68 12.92 -3.14
N ALA A 110 -2.27 13.95 -2.48
CA ALA A 110 -1.82 14.46 -1.19
C ALA A 110 -1.69 13.36 -0.16
N ILE A 111 -2.75 12.53 0.00
CA ILE A 111 -2.76 11.42 0.96
C ILE A 111 -1.94 10.21 0.48
N GLY A 112 -1.61 10.21 -0.80
CA GLY A 112 -0.76 9.20 -1.42
C GLY A 112 -1.38 7.85 -1.72
N ASP A 113 -0.56 6.98 -2.33
CA ASP A 113 -0.86 5.62 -2.76
C ASP A 113 -1.33 4.67 -1.66
N PHE A 114 -1.02 4.98 -0.38
CA PHE A 114 -1.44 4.15 0.75
C PHE A 114 -2.58 4.79 1.57
N GLY A 115 -2.92 6.04 1.24
CA GLY A 115 -3.98 6.81 1.89
C GLY A 115 -3.69 7.19 3.33
N ASP A 116 -2.38 7.31 3.68
CA ASP A 116 -1.90 7.60 5.05
C ASP A 116 -1.18 8.96 5.22
N SER A 117 -0.99 9.72 4.11
CA SER A 117 -0.28 11.03 4.05
C SER A 117 1.18 10.90 4.57
N LYS A 118 1.77 9.70 4.44
CA LYS A 118 3.13 9.40 4.91
C LYS A 118 3.99 8.85 3.76
N THR A 119 3.54 9.03 2.49
CA THR A 119 4.24 8.57 1.28
C THR A 119 4.27 9.59 0.12
N VAL A 120 5.15 9.36 -0.87
CA VAL A 120 5.28 10.17 -2.09
C VAL A 120 5.59 9.22 -3.25
N SER A 121 4.96 9.44 -4.41
CA SER A 121 5.21 8.58 -5.55
C SER A 121 5.65 9.35 -6.79
N LEU A 122 6.50 8.72 -7.59
CA LEU A 122 6.99 9.33 -8.81
C LEU A 122 6.74 8.42 -10.01
N CYS A 123 6.93 8.97 -11.20
CA CYS A 123 6.76 8.24 -12.44
C CYS A 123 7.95 8.63 -13.26
N VAL A 124 9.02 7.82 -13.18
CA VAL A 124 10.31 8.15 -13.77
C VAL A 124 10.66 7.35 -15.01
N LYS A 125 10.93 8.04 -16.14
CA LYS A 125 11.39 7.41 -17.38
C LYS A 125 12.91 7.33 -17.29
N ARG A 126 13.46 6.13 -17.55
CA ARG A 126 14.90 5.90 -17.53
C ARG A 126 15.45 6.51 -18.82
N VAL A 127 16.39 7.47 -18.70
CA VAL A 127 17.01 8.14 -19.84
C VAL A 127 18.47 7.66 -20.05
N PRO A 128 18.89 7.27 -21.29
CA PRO A 128 20.27 6.80 -21.49
C PRO A 128 21.29 7.91 -21.20
N ASP A 129 22.35 7.57 -20.43
CA ASP A 129 23.42 8.46 -19.96
C ASP A 129 22.88 9.50 -18.97
N GLY A 130 21.80 9.14 -18.28
CA GLY A 130 21.16 9.97 -17.28
C GLY A 130 21.48 9.54 -15.87
N VAL A 131 21.86 10.50 -15.01
CA VAL A 131 22.22 10.24 -13.62
C VAL A 131 21.02 10.06 -12.71
N CYS A 132 20.13 11.08 -12.62
CA CYS A 132 18.97 10.99 -11.71
C CYS A 132 17.95 9.95 -12.09
N SER A 133 17.53 9.92 -13.37
CA SER A 133 16.55 8.98 -13.91
C SER A 133 16.97 7.53 -13.66
N ASN A 134 18.24 7.20 -13.97
CA ASN A 134 18.79 5.86 -13.77
C ASN A 134 18.90 5.48 -12.29
N PHE A 135 19.35 6.41 -11.43
CA PHE A 135 19.47 6.20 -9.98
C PHE A 135 18.13 5.79 -9.35
N LEU A 136 17.06 6.55 -9.71
CA LEU A 136 15.70 6.35 -9.24
C LEU A 136 15.11 5.00 -9.66
N CYS A 137 15.31 4.59 -10.90
CA CYS A 137 14.81 3.31 -11.39
C CYS A 137 15.62 2.16 -10.80
N ASP A 138 16.92 2.40 -10.55
CA ASP A 138 17.79 1.39 -9.99
C ASP A 138 17.69 1.31 -8.46
N LEU A 139 16.95 2.26 -7.82
CA LEU A 139 16.73 2.29 -6.37
C LEU A 139 16.14 0.97 -5.89
N LYS A 140 16.75 0.42 -4.84
CA LYS A 140 16.32 -0.82 -4.22
C LYS A 140 15.50 -0.44 -2.98
N PRO A 141 14.39 -1.15 -2.63
CA PRO A 141 13.65 -0.78 -1.40
C PRO A 141 14.58 -0.75 -0.18
N GLY A 142 14.42 0.26 0.67
CA GLY A 142 15.27 0.45 1.85
C GLY A 142 16.36 1.47 1.65
N SER A 143 16.81 1.64 0.39
CA SER A 143 17.85 2.61 0.05
C SER A 143 17.27 4.03 0.17
N GLU A 144 17.99 4.89 0.91
CA GLU A 144 17.58 6.27 1.13
C GLU A 144 17.66 7.14 -0.14
N VAL A 145 16.71 8.09 -0.25
CA VAL A 145 16.59 9.02 -1.38
C VAL A 145 16.53 10.45 -0.84
N LYS A 146 17.39 11.32 -1.38
CA LYS A 146 17.45 12.71 -0.95
C LYS A 146 16.38 13.51 -1.70
N ILE A 147 15.31 13.89 -0.97
CA ILE A 147 14.14 14.64 -1.46
C ILE A 147 14.20 16.13 -1.10
N THR A 148 13.89 17.04 -2.07
CA THR A 148 13.83 18.51 -1.86
C THR A 148 12.47 19.08 -2.29
N GLY A 149 12.10 20.20 -1.68
CA GLY A 149 10.86 20.90 -1.99
C GLY A 149 9.83 20.97 -0.87
N PRO A 150 8.53 20.81 -1.19
CA PRO A 150 7.97 20.59 -2.55
C PRO A 150 8.11 21.84 -3.41
N VAL A 151 8.13 21.66 -4.71
CA VAL A 151 8.28 22.73 -5.69
C VAL A 151 7.03 22.74 -6.55
N GLY A 152 6.62 23.94 -6.94
CA GLY A 152 5.48 24.07 -7.84
C GLY A 152 4.38 24.99 -7.39
N LYS A 153 3.84 25.70 -8.35
CA LYS A 153 2.76 26.66 -8.17
C LYS A 153 1.73 26.56 -9.32
N GLU A 154 2.20 26.33 -10.57
CA GLU A 154 1.36 26.32 -11.77
C GLU A 154 0.34 25.22 -11.85
N MET A 155 0.79 23.96 -11.75
CA MET A 155 -0.02 22.77 -11.93
C MET A 155 -0.97 22.41 -10.80
N LEU A 156 -1.35 23.38 -9.96
CA LEU A 156 -2.28 23.10 -8.87
C LEU A 156 -3.70 22.90 -9.37
N MET A 157 -4.48 22.09 -8.66
CA MET A 157 -5.87 21.78 -9.00
C MET A 157 -6.77 23.02 -8.87
N PRO A 158 -7.86 23.14 -9.68
CA PRO A 158 -8.76 24.29 -9.50
C PRO A 158 -9.70 24.05 -8.33
N LYS A 159 -9.94 25.11 -7.54
CA LYS A 159 -10.81 25.10 -6.35
C LYS A 159 -12.23 24.61 -6.65
N ASP A 160 -12.78 24.96 -7.84
CA ASP A 160 -14.13 24.58 -8.26
C ASP A 160 -14.31 23.05 -8.45
N PRO A 161 -15.18 22.41 -7.64
CA PRO A 161 -15.41 20.95 -7.81
C PRO A 161 -16.39 20.62 -8.95
N ASN A 162 -16.88 21.64 -9.66
CA ASN A 162 -17.78 21.48 -10.79
C ASN A 162 -17.10 21.97 -12.08
N ALA A 163 -15.81 22.36 -11.98
CA ALA A 163 -14.99 22.85 -13.09
C ALA A 163 -14.64 21.76 -14.08
N THR A 164 -14.50 22.16 -15.36
CA THR A 164 -14.14 21.25 -16.44
C THR A 164 -12.60 21.21 -16.64
N VAL A 165 -11.95 20.24 -15.95
CA VAL A 165 -10.50 20.01 -15.93
C VAL A 165 -10.07 19.18 -17.12
N ILE A 166 -9.34 19.79 -18.07
CA ILE A 166 -8.84 19.13 -19.27
C ILE A 166 -7.32 18.91 -19.11
N MET A 167 -6.91 17.65 -19.00
CA MET A 167 -5.51 17.29 -18.81
C MET A 167 -4.89 16.69 -20.07
N LEU A 168 -3.84 17.33 -20.56
CA LEU A 168 -3.11 16.91 -21.74
C LEU A 168 -1.71 16.48 -21.33
N GLY A 169 -1.47 15.18 -21.37
CA GLY A 169 -0.18 14.64 -20.99
C GLY A 169 0.46 13.69 -21.97
N THR A 170 1.79 13.59 -21.91
CA THR A 170 2.59 12.65 -22.69
C THR A 170 3.62 12.02 -21.80
N GLY A 171 3.62 10.69 -21.76
CA GLY A 171 4.54 9.87 -20.97
C GLY A 171 4.48 10.19 -19.50
N THR A 172 5.63 10.63 -18.95
CA THR A 172 5.79 10.99 -17.54
C THR A 172 4.90 12.18 -17.14
N GLY A 173 4.36 12.87 -18.15
CA GLY A 173 3.43 13.99 -17.98
C GLY A 173 2.12 13.60 -17.31
N ILE A 174 1.84 12.29 -17.23
CA ILE A 174 0.64 11.76 -16.58
C ILE A 174 0.68 11.95 -15.05
N ALA A 175 1.92 12.01 -14.47
CA ALA A 175 2.19 12.10 -13.04
C ALA A 175 1.28 13.09 -12.30
N PRO A 176 1.17 14.39 -12.69
CA PRO A 176 0.26 15.30 -11.95
C PRO A 176 -1.21 14.97 -12.14
N PHE A 177 -1.55 14.39 -13.30
CA PHE A 177 -2.92 14.04 -13.69
C PHE A 177 -3.41 12.81 -12.96
N ARG A 178 -2.48 11.92 -12.58
CA ARG A 178 -2.78 10.75 -11.77
C ARG A 178 -3.07 11.27 -10.37
N SER A 179 -2.23 12.23 -9.92
CA SER A 179 -2.33 12.88 -8.62
C SER A 179 -3.71 13.54 -8.51
N PHE A 180 -4.06 14.36 -9.53
CA PHE A 180 -5.33 15.07 -9.71
C PHE A 180 -6.53 14.12 -9.60
N LEU A 181 -6.57 13.09 -10.47
CA LEU A 181 -7.69 12.13 -10.58
C LEU A 181 -7.87 11.24 -9.38
N TRP A 182 -6.81 10.96 -8.61
CA TRP A 182 -6.88 10.13 -7.39
C TRP A 182 -7.70 10.87 -6.38
N LYS A 183 -7.46 12.20 -6.24
CA LYS A 183 -8.20 13.07 -5.33
C LYS A 183 -9.68 13.14 -5.77
N MET A 184 -9.89 13.26 -7.10
CA MET A 184 -11.19 13.38 -7.74
C MET A 184 -12.07 12.15 -7.64
N PHE A 185 -11.50 10.95 -7.96
CA PHE A 185 -12.29 9.72 -8.03
C PHE A 185 -11.97 8.58 -7.04
N PHE A 186 -10.68 8.40 -6.69
CA PHE A 186 -10.28 7.34 -5.74
C PHE A 186 -10.28 7.77 -4.27
N GLU A 187 -10.73 9.00 -3.96
CA GLU A 187 -10.74 9.54 -2.59
C GLU A 187 -12.01 10.18 -2.15
N LYS A 188 -12.33 10.01 -0.85
CA LYS A 188 -13.47 10.61 -0.15
C LYS A 188 -13.05 11.95 0.45
N HIS A 189 -13.72 13.05 0.05
CA HIS A 189 -13.45 14.41 0.54
C HIS A 189 -14.73 15.22 0.72
N GLU A 190 -14.97 15.72 1.95
CA GLU A 190 -16.11 16.59 2.27
C GLU A 190 -15.88 17.97 1.63
N ASP A 191 -14.63 18.46 1.75
CA ASP A 191 -14.10 19.70 1.20
C ASP A 191 -14.01 19.72 -0.34
N TYR A 192 -13.97 18.52 -0.98
CA TYR A 192 -13.86 18.40 -2.44
C TYR A 192 -14.60 17.19 -3.02
N GLN A 193 -15.88 17.40 -3.41
CA GLN A 193 -16.69 16.36 -4.06
C GLN A 193 -16.80 16.75 -5.53
N PHE A 194 -15.90 16.19 -6.38
CA PHE A 194 -15.86 16.50 -7.81
C PHE A 194 -17.05 15.98 -8.62
N ASN A 195 -17.79 16.89 -9.27
CA ASN A 195 -18.94 16.60 -10.10
C ASN A 195 -18.97 17.43 -11.41
N GLY A 196 -17.79 17.79 -11.91
CA GLY A 196 -17.61 18.53 -13.15
C GLY A 196 -17.25 17.59 -14.28
N LEU A 197 -16.21 17.95 -15.06
CA LEU A 197 -15.74 17.11 -16.16
C LEU A 197 -14.22 16.99 -16.22
N ALA A 198 -13.72 15.79 -15.96
CA ALA A 198 -12.31 15.48 -16.03
C ALA A 198 -12.07 14.80 -17.37
N TRP A 199 -11.25 15.42 -18.23
CA TRP A 199 -10.92 14.87 -19.54
C TRP A 199 -9.41 14.65 -19.63
N LEU A 200 -9.02 13.41 -19.86
CA LEU A 200 -7.62 13.07 -19.98
C LEU A 200 -7.23 12.64 -21.41
N PHE A 201 -6.12 13.23 -21.90
CA PHE A 201 -5.53 12.93 -23.19
C PHE A 201 -4.10 12.45 -22.91
N LEU A 202 -3.82 11.14 -23.12
CA LEU A 202 -2.50 10.59 -22.85
C LEU A 202 -1.81 10.07 -24.11
N GLY A 203 -0.72 10.74 -24.48
CA GLY A 203 0.09 10.40 -25.63
C GLY A 203 1.33 9.59 -25.31
N VAL A 204 1.42 8.36 -25.86
CA VAL A 204 2.57 7.47 -25.72
C VAL A 204 2.93 6.83 -27.09
N PRO A 205 4.16 6.28 -27.30
CA PRO A 205 4.45 5.69 -28.61
C PRO A 205 3.74 4.35 -28.85
N THR A 206 3.79 3.43 -27.87
CA THR A 206 3.21 2.08 -27.93
C THR A 206 2.20 1.84 -26.80
N SER A 207 1.39 0.75 -26.89
CA SER A 207 0.44 0.34 -25.86
C SER A 207 1.17 -0.09 -24.59
N SER A 208 2.38 -0.68 -24.75
CA SER A 208 3.26 -1.12 -23.67
C SER A 208 3.86 0.08 -22.92
N SER A 209 3.65 1.29 -23.45
CA SER A 209 4.11 2.53 -22.84
C SER A 209 2.98 3.23 -22.08
N LEU A 210 1.72 2.73 -22.21
CA LEU A 210 0.57 3.30 -21.51
C LEU A 210 0.79 3.22 -20.01
N LEU A 211 0.82 4.38 -19.35
CA LEU A 211 1.05 4.46 -17.92
C LEU A 211 -0.24 4.58 -17.17
N TYR A 212 -0.44 3.69 -16.18
CA TYR A 212 -1.62 3.63 -15.30
C TYR A 212 -2.96 3.43 -16.02
N LYS A 213 -2.93 2.81 -17.24
CA LYS A 213 -4.12 2.54 -18.06
C LYS A 213 -5.28 1.99 -17.21
N GLU A 214 -4.96 1.02 -16.35
CA GLU A 214 -5.83 0.30 -15.40
C GLU A 214 -6.57 1.26 -14.44
N GLU A 215 -5.83 2.18 -13.80
CA GLU A 215 -6.36 3.16 -12.86
C GLU A 215 -7.41 4.04 -13.53
N PHE A 216 -7.10 4.57 -14.73
CA PHE A 216 -7.98 5.42 -15.54
C PHE A 216 -9.21 4.69 -16.06
N GLU A 217 -9.09 3.39 -16.38
CA GLU A 217 -10.21 2.57 -16.85
C GLU A 217 -11.21 2.39 -15.71
N LYS A 218 -10.72 2.02 -14.49
CA LYS A 218 -11.47 1.87 -13.23
C LYS A 218 -12.25 3.15 -12.94
N MET A 219 -11.59 4.30 -13.21
CA MET A 219 -12.13 5.64 -13.03
C MET A 219 -13.29 5.92 -13.99
N LYS A 220 -13.11 5.64 -15.30
CA LYS A 220 -14.15 5.88 -16.32
C LYS A 220 -15.40 5.02 -16.04
N GLU A 221 -15.21 3.77 -15.59
CA GLU A 221 -16.36 2.92 -15.27
C GLU A 221 -17.05 3.34 -13.97
N LYS A 222 -16.27 3.85 -12.97
CA LYS A 222 -16.80 4.33 -11.69
C LYS A 222 -17.59 5.64 -11.90
N ALA A 223 -17.00 6.61 -12.64
CA ALA A 223 -17.62 7.92 -12.94
C ALA A 223 -17.78 8.11 -14.46
N PRO A 224 -18.76 7.43 -15.13
CA PRO A 224 -18.92 7.60 -16.58
C PRO A 224 -19.28 9.01 -17.04
N GLU A 225 -20.12 9.72 -16.26
CA GLU A 225 -20.56 11.07 -16.58
C GLU A 225 -19.48 12.11 -16.30
N ASN A 226 -18.72 11.96 -15.20
CA ASN A 226 -17.68 12.89 -14.79
C ASN A 226 -16.30 12.72 -15.43
N PHE A 227 -15.92 11.49 -15.79
CA PHE A 227 -14.60 11.24 -16.38
C PHE A 227 -14.61 10.78 -17.85
N ARG A 228 -13.91 11.55 -18.71
CA ARG A 228 -13.70 11.29 -20.14
C ARG A 228 -12.23 10.89 -20.33
N LEU A 229 -11.97 9.84 -21.14
CA LEU A 229 -10.62 9.32 -21.37
C LEU A 229 -10.29 9.07 -22.85
N ASP A 230 -9.07 9.45 -23.28
CA ASP A 230 -8.58 9.32 -24.67
C ASP A 230 -7.07 9.06 -24.71
N PHE A 231 -6.66 7.99 -25.39
CA PHE A 231 -5.24 7.59 -25.52
C PHE A 231 -4.77 7.76 -26.96
N ALA A 232 -3.60 8.38 -27.13
CA ALA A 232 -3.03 8.62 -28.44
C ALA A 232 -1.69 7.89 -28.53
N VAL A 233 -1.74 6.73 -29.19
CA VAL A 233 -0.64 5.80 -29.39
C VAL A 233 -0.17 5.98 -30.83
N SER A 234 0.84 6.85 -31.01
CA SER A 234 1.41 7.25 -32.31
C SER A 234 1.95 6.13 -33.19
N ARG A 235 2.63 5.14 -32.59
CA ARG A 235 3.22 4.02 -33.36
C ARG A 235 2.23 2.93 -33.73
N GLU A 236 1.06 2.87 -33.07
CA GLU A 236 0.06 1.82 -33.31
C GLU A 236 -1.22 2.34 -33.97
N GLN A 237 -1.74 3.47 -33.49
CA GLN A 237 -2.96 4.06 -34.00
C GLN A 237 -2.71 5.05 -35.14
N VAL A 238 -3.76 5.33 -35.91
CA VAL A 238 -3.77 6.21 -37.07
C VAL A 238 -5.16 6.89 -37.15
N ASN A 239 -5.29 8.04 -37.84
CA ASN A 239 -6.59 8.70 -37.97
C ASN A 239 -7.29 8.39 -39.30
N ASP A 240 -8.35 9.15 -39.64
CA ASP A 240 -9.13 9.00 -40.88
C ASP A 240 -8.22 9.27 -42.09
N LYS A 241 -7.37 10.32 -41.98
CA LYS A 241 -6.39 10.75 -42.98
C LYS A 241 -5.11 9.88 -43.03
N GLY A 242 -4.98 8.96 -42.08
CA GLY A 242 -3.85 8.04 -41.99
C GLY A 242 -2.58 8.62 -41.38
N GLU A 243 -2.72 9.61 -40.49
CA GLU A 243 -1.59 10.23 -39.81
C GLU A 243 -1.39 9.58 -38.43
N LYS A 244 -0.13 9.52 -37.95
CA LYS A 244 0.23 8.96 -36.65
C LYS A 244 -0.53 9.63 -35.51
N MET A 245 -1.17 8.81 -34.66
CA MET A 245 -2.00 9.25 -33.57
C MET A 245 -1.21 9.86 -32.41
N TYR A 246 -0.76 11.12 -32.57
CA TYR A 246 -0.11 11.85 -31.48
C TYR A 246 -1.25 12.50 -30.70
N ILE A 247 -0.97 13.02 -29.48
CA ILE A 247 -1.95 13.69 -28.62
C ILE A 247 -2.85 14.70 -29.38
N GLN A 248 -2.24 15.67 -30.09
CA GLN A 248 -2.94 16.68 -30.89
C GLN A 248 -3.87 16.08 -31.95
N THR A 249 -3.48 14.92 -32.53
CA THR A 249 -4.26 14.18 -33.55
C THR A 249 -5.54 13.63 -32.89
N ARG A 250 -5.40 13.11 -31.66
CA ARG A 250 -6.52 12.57 -30.89
C ARG A 250 -7.44 13.71 -30.47
N MET A 251 -6.85 14.86 -30.11
CA MET A 251 -7.58 16.04 -29.70
C MET A 251 -8.42 16.60 -30.82
N ALA A 252 -7.89 16.56 -32.05
CA ALA A 252 -8.53 17.05 -33.25
C ALA A 252 -9.90 16.41 -33.50
N GLN A 253 -10.11 15.18 -32.99
CA GLN A 253 -11.37 14.42 -33.13
C GLN A 253 -12.51 15.07 -32.35
N TYR A 254 -12.15 15.91 -31.36
CA TYR A 254 -13.08 16.63 -30.49
C TYR A 254 -12.81 18.14 -30.56
N ALA A 255 -12.03 18.59 -31.58
CA ALA A 255 -11.60 19.97 -31.79
C ALA A 255 -12.71 21.01 -31.66
N GLU A 256 -13.88 20.73 -32.27
CA GLU A 256 -15.08 21.58 -32.22
C GLU A 256 -15.65 21.70 -30.79
N GLU A 257 -15.76 20.54 -30.09
CA GLU A 257 -16.24 20.37 -28.71
C GLU A 257 -15.31 21.05 -27.70
N LEU A 258 -13.99 20.79 -27.82
CA LEU A 258 -12.96 21.35 -26.95
C LEU A 258 -12.87 22.87 -27.06
N TRP A 259 -12.90 23.40 -28.30
CA TRP A 259 -12.86 24.84 -28.57
C TRP A 259 -13.99 25.56 -27.86
N GLU A 260 -15.21 25.00 -27.93
CA GLU A 260 -16.42 25.52 -27.28
C GLU A 260 -16.33 25.40 -25.76
N LEU A 261 -15.58 24.38 -25.26
CA LEU A 261 -15.36 24.17 -23.83
C LEU A 261 -14.38 25.20 -23.30
N LEU A 262 -13.27 25.46 -24.03
CA LEU A 262 -12.24 26.45 -23.69
C LEU A 262 -12.83 27.86 -23.47
N LYS A 263 -13.92 28.16 -24.20
CA LYS A 263 -14.66 29.42 -24.14
C LYS A 263 -15.32 29.64 -22.76
N LYS A 264 -15.63 28.54 -22.03
CA LYS A 264 -16.27 28.60 -20.70
C LYS A 264 -15.34 29.13 -19.58
N ASP A 265 -15.93 29.79 -18.57
CA ASP A 265 -15.23 30.36 -17.42
C ASP A 265 -14.67 29.31 -16.45
N ASN A 266 -15.36 28.15 -16.32
CA ASN A 266 -14.97 27.05 -15.43
C ASN A 266 -14.05 26.00 -16.13
N THR A 267 -13.52 26.33 -17.31
CA THR A 267 -12.64 25.42 -18.04
C THR A 267 -11.18 25.63 -17.64
N PHE A 268 -10.48 24.51 -17.27
CA PHE A 268 -9.09 24.53 -16.84
C PHE A 268 -8.27 23.49 -17.60
N VAL A 269 -7.40 23.96 -18.51
CA VAL A 269 -6.54 23.09 -19.31
C VAL A 269 -5.17 22.99 -18.66
N TYR A 270 -4.68 21.76 -18.52
CA TYR A 270 -3.39 21.42 -17.96
C TYR A 270 -2.59 20.59 -18.95
N MET A 271 -1.34 21.00 -19.18
CA MET A 271 -0.43 20.33 -20.09
C MET A 271 0.88 20.01 -19.37
N CYS A 272 1.26 18.73 -19.40
CA CYS A 272 2.47 18.24 -18.76
C CYS A 272 3.09 17.15 -19.60
N GLY A 273 4.42 17.06 -19.58
CA GLY A 273 5.14 16.06 -20.33
C GLY A 273 6.37 16.58 -21.03
N LEU A 274 6.71 15.95 -22.17
CA LEU A 274 7.90 16.33 -22.92
C LEU A 274 7.73 17.57 -23.78
N LYS A 275 8.69 18.49 -23.63
CA LYS A 275 8.91 19.78 -24.29
C LYS A 275 8.22 19.92 -25.66
N GLY A 276 8.49 18.96 -26.55
CA GLY A 276 7.99 18.92 -27.91
C GLY A 276 6.49 18.94 -28.12
N MET A 277 5.73 18.39 -27.16
CA MET A 277 4.28 18.27 -27.20
C MET A 277 3.50 19.59 -27.34
N GLU A 278 4.08 20.71 -26.89
CA GLU A 278 3.45 22.03 -26.94
C GLU A 278 3.23 22.51 -28.39
N LYS A 279 4.26 22.34 -29.26
CA LYS A 279 4.21 22.75 -30.67
C LYS A 279 3.04 22.12 -31.43
N GLY A 280 2.86 20.81 -31.24
CA GLY A 280 1.81 20.04 -31.90
C GLY A 280 0.41 20.48 -31.54
N ILE A 281 0.20 20.76 -30.24
CA ILE A 281 -1.09 21.19 -29.72
C ILE A 281 -1.46 22.59 -30.18
N ASP A 282 -0.55 23.58 -30.04
CA ASP A 282 -0.77 24.96 -30.49
C ASP A 282 -1.05 24.97 -31.99
N ASP A 283 -0.39 24.09 -32.77
CA ASP A 283 -0.58 23.97 -34.21
C ASP A 283 -2.05 23.72 -34.55
N ILE A 284 -2.68 22.73 -33.90
CA ILE A 284 -4.09 22.43 -34.16
C ILE A 284 -5.08 23.48 -33.61
N MET A 285 -4.67 24.18 -32.51
CA MET A 285 -5.42 25.27 -31.84
C MET A 285 -5.40 26.55 -32.68
N VAL A 286 -4.27 26.79 -33.40
CA VAL A 286 -4.05 27.94 -34.29
C VAL A 286 -5.12 27.96 -35.38
N SER A 287 -5.45 26.78 -35.96
CA SER A 287 -6.44 26.63 -37.04
C SER A 287 -7.87 26.90 -36.53
N LEU A 288 -8.21 26.36 -35.33
CA LEU A 288 -9.52 26.51 -34.68
C LEU A 288 -9.81 27.98 -34.44
N ALA A 289 -8.87 28.64 -33.72
CA ALA A 289 -8.93 30.05 -33.36
C ALA A 289 -9.04 30.93 -34.59
N ALA A 290 -8.29 30.58 -35.68
CA ALA A 290 -8.30 31.26 -36.98
C ALA A 290 -9.73 31.33 -37.54
N LYS A 291 -10.45 30.19 -37.50
CA LYS A 291 -11.84 30.03 -37.96
C LYS A 291 -12.83 31.04 -37.37
N ASP A 292 -12.55 31.55 -36.16
CA ASP A 292 -13.38 32.53 -35.47
C ASP A 292 -12.77 33.96 -35.56
N GLY A 293 -11.53 34.04 -36.03
CA GLY A 293 -10.79 35.29 -36.19
C GLY A 293 -9.89 35.63 -35.02
N ILE A 294 -9.61 34.67 -34.16
CA ILE A 294 -8.76 34.89 -33.00
C ILE A 294 -7.36 34.36 -33.26
N ASP A 295 -6.35 35.11 -32.80
CA ASP A 295 -4.95 34.71 -32.87
C ASP A 295 -4.74 33.86 -31.60
N TRP A 296 -4.42 32.56 -31.78
CA TRP A 296 -4.20 31.62 -30.67
C TRP A 296 -3.05 31.99 -29.72
N ILE A 297 -2.05 32.73 -30.24
CA ILE A 297 -0.92 33.15 -29.39
C ILE A 297 -1.38 34.21 -28.39
N GLU A 298 -2.18 35.20 -28.83
CA GLU A 298 -2.74 36.23 -27.95
C GLU A 298 -3.93 35.70 -27.14
N TYR A 299 -4.57 34.60 -27.59
CA TYR A 299 -5.68 33.98 -26.87
C TYR A 299 -5.16 33.12 -25.75
N LYS A 300 -4.11 32.31 -26.00
CA LYS A 300 -3.54 31.49 -24.93
C LYS A 300 -2.84 32.31 -23.87
N ARG A 301 -2.43 33.56 -24.22
CA ARG A 301 -1.82 34.51 -23.29
C ARG A 301 -2.88 34.98 -22.29
N THR A 302 -4.12 35.24 -22.79
CA THR A 302 -5.30 35.66 -22.04
C THR A 302 -5.73 34.55 -21.05
N LEU A 303 -5.77 33.29 -21.54
CA LEU A 303 -6.13 32.11 -20.74
C LEU A 303 -5.08 31.86 -19.66
N LYS A 304 -3.78 31.97 -20.00
CA LYS A 304 -2.64 31.77 -19.08
C LYS A 304 -2.68 32.75 -17.91
N LYS A 305 -3.04 34.01 -18.18
CA LYS A 305 -3.17 35.05 -17.17
C LYS A 305 -4.39 34.79 -16.29
N ALA A 306 -5.42 34.12 -16.86
CA ALA A 306 -6.67 33.78 -16.19
C ALA A 306 -6.60 32.45 -15.42
N GLU A 307 -5.40 31.81 -15.40
CA GLU A 307 -5.09 30.52 -14.76
C GLU A 307 -5.79 29.31 -15.44
N GLN A 308 -6.48 29.56 -16.56
CA GLN A 308 -7.22 28.54 -17.28
C GLN A 308 -6.37 27.64 -18.21
N TRP A 309 -5.17 28.07 -18.60
CA TRP A 309 -4.26 27.28 -19.46
C TRP A 309 -2.93 27.13 -18.73
N ASN A 310 -2.65 25.91 -18.26
CA ASN A 310 -1.47 25.63 -17.45
C ASN A 310 -0.55 24.63 -18.11
N VAL A 311 0.72 24.98 -18.19
CA VAL A 311 1.74 24.19 -18.88
C VAL A 311 2.93 23.93 -17.98
N GLU A 312 3.47 22.69 -18.07
CA GLU A 312 4.67 22.25 -17.40
C GLU A 312 5.32 21.14 -18.23
N VAL A 313 6.13 21.52 -19.21
CA VAL A 313 6.84 20.62 -20.12
C VAL A 313 8.36 20.64 -19.87
N TYR A 314 9.07 19.57 -20.26
CA TYR A 314 10.51 19.43 -20.00
C TYR A 314 11.27 18.65 -21.07
N TRP A 315 12.59 18.87 -21.15
CA TRP A 315 13.50 18.25 -22.13
C TRP A 315 13.60 16.73 -21.98
N HIS B 28 -1.55 -35.45 1.48
CA HIS B 28 -2.00 -36.04 2.75
C HIS B 28 -2.43 -34.97 3.78
N SER B 29 -2.39 -33.68 3.41
CA SER B 29 -2.76 -32.60 4.34
C SER B 29 -4.00 -31.77 3.98
N LYS B 30 -4.82 -31.45 5.03
CA LYS B 30 -6.05 -30.64 5.00
C LYS B 30 -5.75 -29.12 5.01
N LYS B 31 -4.44 -28.74 4.95
CA LYS B 31 -3.95 -27.36 5.02
C LYS B 31 -3.46 -26.81 3.67
N GLN B 32 -3.00 -25.52 3.64
CA GLN B 32 -2.43 -24.88 2.44
C GLN B 32 -0.93 -25.16 2.47
N ASP B 33 -0.55 -26.37 2.06
CA ASP B 33 0.83 -26.87 2.04
C ASP B 33 1.34 -27.20 0.63
N GLU B 34 0.63 -26.77 -0.42
CA GLU B 34 1.01 -27.01 -1.81
C GLU B 34 2.37 -26.33 -2.08
N ASN B 35 3.41 -27.16 -2.05
CA ASN B 35 4.83 -26.83 -2.26
C ASN B 35 5.36 -25.73 -1.34
N ILE B 36 5.07 -25.87 -0.02
CA ILE B 36 5.52 -24.96 1.02
C ILE B 36 7.03 -24.96 1.17
N VAL B 37 7.59 -23.83 1.58
CA VAL B 37 9.03 -23.68 1.80
C VAL B 37 9.27 -23.42 3.27
N VAL B 38 10.08 -24.28 3.88
CA VAL B 38 10.50 -24.22 5.27
C VAL B 38 12.03 -24.30 5.28
N ASN B 39 12.69 -23.40 6.03
CA ASN B 39 14.14 -23.33 6.16
C ASN B 39 14.91 -23.19 4.84
N LYS B 40 14.80 -22.00 4.23
CA LYS B 40 15.54 -21.62 3.03
C LYS B 40 16.78 -20.91 3.57
N PHE B 41 16.62 -20.19 4.70
CA PHE B 41 17.68 -19.46 5.39
C PHE B 41 17.92 -19.97 6.79
N LYS B 42 19.16 -20.43 7.03
CA LYS B 42 19.65 -20.98 8.30
C LYS B 42 20.35 -19.86 9.10
N PRO B 43 20.52 -19.99 10.45
CA PRO B 43 21.18 -18.92 11.22
C PRO B 43 22.64 -18.61 10.85
N LYS B 44 23.35 -19.58 10.22
CA LYS B 44 24.74 -19.40 9.80
C LYS B 44 24.83 -18.42 8.64
N GLU B 45 23.97 -18.57 7.63
CA GLU B 45 23.90 -17.67 6.47
C GLU B 45 22.45 -17.16 6.35
N PRO B 46 22.04 -16.18 7.19
CA PRO B 46 20.66 -15.67 7.11
C PRO B 46 20.46 -14.68 5.97
N TYR B 47 19.18 -14.45 5.57
CA TYR B 47 18.84 -13.47 4.54
C TYR B 47 18.94 -12.10 5.21
N VAL B 48 19.77 -11.23 4.63
CA VAL B 48 19.99 -9.89 5.13
C VAL B 48 19.04 -8.89 4.45
N GLY B 49 17.84 -8.77 5.02
CA GLY B 49 16.83 -7.84 4.56
C GLY B 49 17.08 -6.46 5.14
N ARG B 50 16.23 -5.48 4.78
CA ARG B 50 16.29 -4.10 5.25
C ARG B 50 14.94 -3.66 5.84
N CYS B 51 14.95 -2.86 6.94
CA CYS B 51 13.74 -2.30 7.59
C CYS B 51 13.14 -1.20 6.69
N LEU B 52 11.86 -1.35 6.33
CA LEU B 52 11.17 -0.41 5.45
C LEU B 52 10.27 0.52 6.22
N LEU B 53 9.62 0.02 7.28
CA LEU B 53 8.74 0.81 8.15
C LEU B 53 8.78 0.25 9.56
N ASN B 54 8.60 1.12 10.58
CA ASN B 54 8.54 0.69 12.00
C ASN B 54 7.65 1.65 12.80
N THR B 55 6.37 1.25 13.02
CA THR B 55 5.38 2.05 13.71
C THR B 55 4.88 1.36 14.96
N LYS B 56 4.79 2.12 16.06
CA LYS B 56 4.20 1.66 17.31
C LYS B 56 2.69 1.67 17.04
N ILE B 57 2.06 0.49 17.03
CA ILE B 57 0.62 0.34 16.78
C ILE B 57 -0.22 0.51 18.04
N THR B 58 0.40 0.34 19.21
CA THR B 58 -0.29 0.52 20.48
C THR B 58 -0.36 2.01 20.86
N GLY B 59 -1.39 2.36 21.61
CA GLY B 59 -1.61 3.71 22.11
C GLY B 59 -0.55 4.13 23.11
N ASP B 60 -0.44 5.44 23.35
CA ASP B 60 0.54 6.00 24.28
C ASP B 60 0.19 5.64 25.72
N ASP B 61 -1.10 5.39 25.98
CA ASP B 61 -1.57 5.00 27.31
C ASP B 61 -1.77 3.46 27.40
N ALA B 62 -0.98 2.69 26.62
CA ALA B 62 -1.00 1.22 26.59
C ALA B 62 -0.01 0.64 27.61
N PRO B 63 -0.39 -0.48 28.30
CA PRO B 63 0.49 -1.08 29.32
C PRO B 63 1.96 -1.29 28.93
N GLY B 64 2.18 -1.72 27.69
CA GLY B 64 3.49 -1.89 27.09
C GLY B 64 3.47 -1.31 25.68
N GLU B 65 4.30 -1.87 24.78
CA GLU B 65 4.33 -1.39 23.41
C GLU B 65 4.63 -2.43 22.38
N THR B 66 3.72 -2.56 21.40
CA THR B 66 3.78 -3.47 20.26
C THR B 66 4.02 -2.64 19.01
N TRP B 67 5.06 -2.98 18.24
CA TRP B 67 5.44 -2.26 17.03
C TRP B 67 5.23 -3.10 15.79
N HIS B 68 4.68 -2.46 14.74
CA HIS B 68 4.54 -3.15 13.47
C HIS B 68 5.67 -2.66 12.59
N MET B 69 6.39 -3.62 12.00
CA MET B 69 7.54 -3.38 11.12
C MET B 69 7.39 -4.13 9.79
N VAL B 70 7.97 -3.57 8.73
CA VAL B 70 7.94 -4.11 7.37
C VAL B 70 9.39 -4.26 6.90
N PHE B 71 9.82 -5.45 6.51
CA PHE B 71 11.18 -5.61 6.00
C PHE B 71 11.15 -5.97 4.53
N SER B 72 12.26 -5.66 3.82
CA SER B 72 12.38 -6.01 2.41
C SER B 72 12.86 -7.46 2.36
N THR B 73 12.31 -8.23 1.40
CA THR B 73 12.68 -9.62 1.18
C THR B 73 13.06 -9.83 -0.25
N GLU B 74 12.66 -8.89 -1.13
CA GLU B 74 12.85 -8.89 -2.58
C GLU B 74 12.39 -10.22 -3.22
N GLY B 75 11.39 -10.83 -2.57
CA GLY B 75 10.83 -12.12 -2.96
C GLY B 75 11.83 -13.25 -2.81
N GLU B 76 12.57 -13.27 -1.67
CA GLU B 76 13.58 -14.29 -1.37
C GLU B 76 13.22 -15.22 -0.22
N VAL B 77 12.19 -14.86 0.54
CA VAL B 77 11.66 -15.62 1.66
C VAL B 77 10.27 -16.05 1.18
N PRO B 78 10.13 -17.23 0.55
CA PRO B 78 8.82 -17.64 0.01
C PRO B 78 7.88 -18.18 1.09
N TYR B 79 7.46 -17.31 2.00
CA TYR B 79 6.59 -17.62 3.12
C TYR B 79 5.11 -17.63 2.74
N ARG B 80 4.27 -18.25 3.58
CA ARG B 80 2.82 -18.36 3.43
C ARG B 80 2.15 -17.96 4.75
N GLU B 81 0.83 -17.69 4.69
CA GLU B 81 -0.01 -17.34 5.85
C GLU B 81 0.09 -18.45 6.89
N GLY B 82 0.53 -18.07 8.09
CA GLY B 82 0.71 -18.96 9.23
C GLY B 82 2.16 -19.17 9.64
N GLN B 83 3.07 -19.06 8.69
CA GLN B 83 4.49 -19.24 8.94
C GLN B 83 5.09 -18.13 9.79
N SER B 84 6.26 -18.41 10.31
CA SER B 84 7.04 -17.49 11.10
C SER B 84 8.42 -17.31 10.46
N ILE B 85 9.15 -16.27 10.87
CA ILE B 85 10.52 -16.03 10.42
C ILE B 85 11.39 -15.88 11.64
N GLY B 86 12.66 -16.23 11.50
CA GLY B 86 13.62 -16.09 12.60
C GLY B 86 14.33 -14.76 12.49
N ILE B 87 14.68 -14.18 13.63
CA ILE B 87 15.42 -12.92 13.65
C ILE B 87 16.62 -13.14 14.54
N VAL B 88 17.81 -13.04 13.96
CA VAL B 88 19.06 -13.15 14.69
C VAL B 88 19.38 -11.70 15.05
N PRO B 89 19.19 -11.31 16.33
CA PRO B 89 19.44 -9.91 16.69
C PRO B 89 20.91 -9.56 16.69
N ASP B 90 21.23 -8.34 16.21
CA ASP B 90 22.60 -7.82 16.14
C ASP B 90 23.16 -7.72 17.57
N GLY B 91 24.32 -8.33 17.77
CA GLY B 91 25.03 -8.34 19.04
C GLY B 91 25.66 -9.67 19.40
N ILE B 92 26.21 -9.76 20.64
CA ILE B 92 26.83 -10.96 21.21
C ILE B 92 26.29 -11.26 22.60
N ASP B 93 26.16 -12.57 22.94
CA ASP B 93 25.65 -13.03 24.22
C ASP B 93 26.64 -12.78 25.39
N LYS B 94 26.20 -13.07 26.65
CA LYS B 94 26.95 -12.94 27.91
C LYS B 94 28.39 -13.50 27.84
N ASN B 95 28.58 -14.64 27.11
CA ASN B 95 29.88 -15.27 26.92
C ASN B 95 30.51 -14.97 25.55
N GLY B 96 30.25 -13.77 25.04
CA GLY B 96 30.78 -13.24 23.78
C GLY B 96 30.64 -14.11 22.56
N LYS B 97 29.39 -14.48 22.23
CA LYS B 97 29.06 -15.32 21.07
C LYS B 97 27.84 -14.76 20.33
N PRO B 98 27.73 -14.90 18.98
CA PRO B 98 26.56 -14.34 18.26
C PRO B 98 25.21 -14.84 18.78
N HIS B 99 24.21 -13.95 18.84
CA HIS B 99 22.87 -14.20 19.36
C HIS B 99 22.10 -15.34 18.68
N LYS B 100 21.27 -16.02 19.49
CA LYS B 100 20.40 -17.13 19.10
C LYS B 100 19.18 -16.56 18.33
N LEU B 101 18.58 -17.34 17.40
CA LEU B 101 17.43 -16.84 16.66
C LEU B 101 16.16 -16.89 17.49
N ARG B 102 15.31 -15.86 17.33
CA ARG B 102 14.00 -15.76 17.99
C ARG B 102 12.93 -15.76 16.90
N LEU B 103 11.93 -16.66 17.01
CA LEU B 103 10.83 -16.78 16.05
C LEU B 103 9.79 -15.71 16.23
N TYR B 104 9.17 -15.27 15.12
CA TYR B 104 8.11 -14.27 15.09
C TYR B 104 7.12 -14.63 14.01
N SER B 105 5.85 -14.74 14.38
CA SER B 105 4.76 -15.05 13.45
C SER B 105 4.62 -13.92 12.43
N ILE B 106 4.56 -14.26 11.14
CA ILE B 106 4.46 -13.25 10.08
C ILE B 106 3.07 -12.60 10.11
N ALA B 107 3.05 -11.28 10.37
CA ALA B 107 1.85 -10.44 10.47
C ALA B 107 1.22 -10.15 9.11
N SER B 108 2.01 -10.31 8.01
CA SER B 108 1.58 -10.03 6.65
C SER B 108 1.28 -11.29 5.85
N SER B 109 0.39 -11.16 4.86
CA SER B 109 0.03 -12.26 3.93
C SER B 109 1.23 -12.51 3.00
N ALA B 110 1.16 -13.55 2.13
CA ALA B 110 2.27 -13.87 1.21
C ALA B 110 2.63 -12.68 0.28
N ILE B 111 1.63 -12.00 -0.30
CA ILE B 111 1.92 -10.83 -1.15
C ILE B 111 2.33 -9.61 -0.33
N GLY B 112 2.05 -9.66 0.97
CA GLY B 112 2.42 -8.64 1.94
C GLY B 112 1.62 -7.35 1.93
N ASP B 113 2.00 -6.46 2.86
CA ASP B 113 1.42 -5.14 3.13
C ASP B 113 1.44 -4.19 1.97
N PHE B 114 2.33 -4.39 0.97
CA PHE B 114 2.41 -3.51 -0.21
C PHE B 114 1.82 -4.18 -1.48
N GLY B 115 1.47 -5.46 -1.38
CA GLY B 115 0.89 -6.26 -2.46
C GLY B 115 1.84 -6.54 -3.61
N ASP B 116 3.17 -6.56 -3.32
CA ASP B 116 4.25 -6.75 -4.30
C ASP B 116 5.06 -8.04 -4.14
N SER B 117 4.79 -8.85 -3.09
CA SER B 117 5.51 -10.11 -2.75
C SER B 117 7.03 -9.88 -2.56
N LYS B 118 7.40 -8.67 -2.14
CA LYS B 118 8.80 -8.25 -1.93
C LYS B 118 9.00 -7.73 -0.51
N THR B 119 8.03 -8.00 0.40
CA THR B 119 8.07 -7.57 1.81
C THR B 119 7.65 -8.66 2.82
N VAL B 120 7.95 -8.41 4.11
CA VAL B 120 7.60 -9.25 5.26
C VAL B 120 7.26 -8.32 6.44
N SER B 121 6.20 -8.62 7.17
CA SER B 121 5.84 -7.80 8.31
C SER B 121 5.76 -8.57 9.62
N LEU B 122 6.25 -7.95 10.72
CA LEU B 122 6.25 -8.50 12.06
C LEU B 122 5.46 -7.61 13.02
N CYS B 123 4.95 -8.22 14.10
CA CYS B 123 4.15 -7.61 15.16
C CYS B 123 4.86 -7.91 16.48
N VAL B 124 5.74 -6.99 16.89
CA VAL B 124 6.61 -7.23 18.03
C VAL B 124 6.27 -6.46 19.30
N LYS B 125 6.04 -7.22 20.40
CA LYS B 125 5.82 -6.62 21.72
C LYS B 125 7.21 -6.44 22.34
N ARG B 126 7.47 -5.24 22.86
CA ARG B 126 8.72 -4.92 23.51
C ARG B 126 8.67 -5.57 24.89
N VAL B 127 9.66 -6.46 25.18
CA VAL B 127 9.75 -7.21 26.45
C VAL B 127 10.91 -6.66 27.32
N PRO B 128 10.68 -6.42 28.63
CA PRO B 128 11.76 -5.91 29.49
C PRO B 128 12.95 -6.85 29.58
N ASP B 129 14.17 -6.29 29.46
CA ASP B 129 15.49 -6.95 29.46
C ASP B 129 15.69 -7.74 28.15
N GLY B 130 14.75 -7.59 27.23
CA GLY B 130 14.71 -8.31 25.95
C GLY B 130 15.77 -7.91 24.96
N VAL B 131 16.44 -8.92 24.38
CA VAL B 131 17.49 -8.70 23.37
C VAL B 131 16.87 -8.39 22.00
N CYS B 132 16.19 -9.39 21.40
CA CYS B 132 15.55 -9.35 20.09
C CYS B 132 14.38 -8.37 20.00
N SER B 133 13.34 -8.54 20.89
CA SER B 133 12.13 -7.68 20.94
C SER B 133 12.47 -6.20 20.91
N ASN B 134 13.48 -5.79 21.69
CA ASN B 134 13.94 -4.41 21.74
C ASN B 134 14.71 -4.00 20.52
N PHE B 135 15.57 -4.90 19.98
CA PHE B 135 16.33 -4.62 18.76
C PHE B 135 15.38 -4.29 17.60
N LEU B 136 14.35 -5.14 17.43
CA LEU B 136 13.33 -5.01 16.40
C LEU B 136 12.49 -3.75 16.53
N CYS B 137 12.03 -3.45 17.77
CA CYS B 137 11.24 -2.27 18.10
C CYS B 137 12.09 -0.98 18.00
N ASP B 138 13.43 -1.09 18.16
CA ASP B 138 14.37 0.04 18.07
C ASP B 138 14.99 0.19 16.67
N LEU B 139 14.71 -0.78 15.75
CA LEU B 139 15.18 -0.78 14.35
C LEU B 139 14.75 0.50 13.69
N LYS B 140 15.70 1.14 13.02
CA LYS B 140 15.45 2.37 12.28
C LYS B 140 15.29 1.99 10.80
N PRO B 141 14.36 2.61 10.02
CA PRO B 141 14.26 2.27 8.59
C PRO B 141 15.63 2.36 7.91
N GLY B 142 15.91 1.37 7.08
CA GLY B 142 17.16 1.27 6.34
C GLY B 142 18.17 0.34 6.97
N SER B 143 18.13 0.22 8.32
CA SER B 143 19.02 -0.67 9.06
C SER B 143 18.71 -2.12 8.70
N GLU B 144 19.76 -2.88 8.37
CA GLU B 144 19.63 -4.28 7.98
C GLU B 144 19.25 -5.20 9.14
N VAL B 145 18.45 -6.24 8.81
CA VAL B 145 17.93 -7.23 9.77
C VAL B 145 18.24 -8.65 9.26
N LYS B 146 18.82 -9.48 10.13
CA LYS B 146 19.17 -10.85 9.76
C LYS B 146 17.95 -11.76 9.94
N ILE B 147 17.35 -12.17 8.81
CA ILE B 147 16.14 -13.02 8.71
C ILE B 147 16.47 -14.48 8.37
N THR B 148 15.77 -15.42 9.03
CA THR B 148 15.90 -16.88 8.82
C THR B 148 14.54 -17.53 8.55
N GLY B 149 14.59 -18.70 7.92
CA GLY B 149 13.42 -19.51 7.62
C GLY B 149 13.00 -19.57 6.16
N PRO B 150 11.68 -19.53 5.86
CA PRO B 150 10.55 -19.44 6.80
C PRO B 150 10.46 -20.69 7.67
N VAL B 151 9.80 -20.56 8.80
CA VAL B 151 9.61 -21.65 9.75
C VAL B 151 8.10 -21.73 9.93
N GLY B 152 7.55 -22.90 10.20
CA GLY B 152 6.12 -23.00 10.43
C GLY B 152 5.41 -23.99 9.55
N LYS B 153 4.85 -25.02 10.18
CA LYS B 153 4.09 -26.07 9.53
C LYS B 153 2.65 -26.12 10.09
N GLU B 154 2.49 -25.89 11.42
CA GLU B 154 1.23 -25.99 12.15
C GLU B 154 0.19 -24.96 11.78
N MET B 155 0.53 -23.67 11.88
CA MET B 155 -0.39 -22.57 11.68
C MET B 155 -0.77 -22.25 10.23
N LEU B 156 -0.63 -23.21 9.30
CA LEU B 156 -1.00 -22.96 7.91
C LEU B 156 -2.51 -22.92 7.73
N MET B 157 -2.96 -22.14 6.75
CA MET B 157 -4.37 -21.97 6.44
C MET B 157 -5.00 -23.28 5.92
N PRO B 158 -6.31 -23.54 6.15
CA PRO B 158 -6.91 -24.75 5.58
C PRO B 158 -7.23 -24.55 4.11
N LYS B 159 -6.96 -25.59 3.28
CA LYS B 159 -7.18 -25.58 1.83
C LYS B 159 -8.63 -25.25 1.44
N ASP B 160 -9.62 -25.71 2.23
CA ASP B 160 -11.04 -25.47 2.00
C ASP B 160 -11.45 -23.97 2.10
N PRO B 161 -11.92 -23.37 0.98
CA PRO B 161 -12.34 -21.96 1.02
C PRO B 161 -13.75 -21.75 1.60
N ASN B 162 -14.40 -22.84 2.02
CA ASN B 162 -15.73 -22.83 2.62
C ASN B 162 -15.65 -23.30 4.07
N ALA B 163 -14.43 -23.58 4.56
CA ALA B 163 -14.15 -24.04 5.92
C ALA B 163 -14.41 -22.97 6.97
N THR B 164 -14.81 -23.40 8.16
CA THR B 164 -15.03 -22.51 9.28
C THR B 164 -13.72 -22.38 10.05
N VAL B 165 -13.01 -21.25 9.85
CA VAL B 165 -11.73 -20.93 10.49
C VAL B 165 -11.97 -20.09 11.75
N ILE B 166 -11.69 -20.68 12.93
CA ILE B 166 -11.84 -20.01 14.21
C ILE B 166 -10.45 -19.65 14.75
N MET B 167 -10.17 -18.36 14.84
CA MET B 167 -8.87 -17.86 15.30
C MET B 167 -8.94 -17.25 16.70
N LEU B 168 -8.16 -17.82 17.62
CA LEU B 168 -8.09 -17.38 19.01
C LEU B 168 -6.71 -16.81 19.28
N GLY B 169 -6.63 -15.49 19.39
CA GLY B 169 -5.36 -14.82 19.64
C GLY B 169 -5.33 -13.87 20.81
N THR B 170 -4.13 -13.66 21.36
CA THR B 170 -3.87 -12.68 22.41
C THR B 170 -2.61 -11.93 22.06
N GLY B 171 -2.72 -10.62 22.02
CA GLY B 171 -1.62 -9.71 21.74
C GLY B 171 -0.97 -9.97 20.40
N THR B 172 0.33 -10.29 20.45
CA THR B 172 1.14 -10.58 19.26
C THR B 172 0.65 -11.80 18.49
N GLY B 173 -0.21 -12.60 19.15
CA GLY B 173 -0.87 -13.77 18.58
C GLY B 173 -1.76 -13.46 17.40
N ILE B 174 -2.09 -12.18 17.19
CA ILE B 174 -2.92 -11.74 16.07
C ILE B 174 -2.17 -11.85 14.72
N ALA B 175 -0.81 -11.78 14.77
CA ALA B 175 0.08 -11.79 13.61
C ALA B 175 -0.31 -12.82 12.55
N PRO B 176 -0.45 -14.16 12.85
CA PRO B 176 -0.84 -15.09 11.79
C PRO B 176 -2.28 -14.89 11.28
N PHE B 177 -3.16 -14.38 12.17
CA PHE B 177 -4.57 -14.17 11.90
C PHE B 177 -4.79 -12.97 11.02
N ARG B 178 -3.87 -11.99 11.10
CA ARG B 178 -3.89 -10.80 10.24
C ARG B 178 -3.48 -11.30 8.87
N SER B 179 -2.43 -12.16 8.83
CA SER B 179 -1.88 -12.77 7.63
C SER B 179 -2.99 -13.55 6.92
N PHE B 180 -3.68 -14.42 7.67
CA PHE B 180 -4.82 -15.25 7.27
C PHE B 180 -5.93 -14.42 6.62
N LEU B 181 -6.45 -13.43 7.37
CA LEU B 181 -7.58 -12.58 6.96
C LEU B 181 -7.29 -11.65 5.79
N TRP B 182 -6.01 -11.25 5.60
CA TRP B 182 -5.61 -10.38 4.47
C TRP B 182 -5.79 -11.14 3.20
N LYS B 183 -5.40 -12.44 3.19
CA LYS B 183 -5.56 -13.34 2.04
C LYS B 183 -7.06 -13.56 1.77
N MET B 184 -7.84 -13.76 2.85
CA MET B 184 -9.26 -14.03 2.82
C MET B 184 -10.11 -12.87 2.34
N PHE B 185 -9.88 -11.64 2.88
CA PHE B 185 -10.72 -10.47 2.58
C PHE B 185 -10.10 -9.27 1.85
N PHE B 186 -8.81 -8.95 2.11
CA PHE B 186 -8.14 -7.83 1.46
C PHE B 186 -7.43 -8.20 0.14
N GLU B 187 -7.59 -9.45 -0.34
CA GLU B 187 -6.92 -9.92 -1.55
C GLU B 187 -7.79 -10.66 -2.52
N LYS B 188 -7.50 -10.47 -3.82
CA LYS B 188 -8.14 -11.13 -4.96
C LYS B 188 -7.38 -12.42 -5.29
N HIS B 189 -8.06 -13.58 -5.21
CA HIS B 189 -7.47 -14.89 -5.54
C HIS B 189 -8.44 -15.81 -6.28
N GLU B 190 -8.06 -16.28 -7.50
CA GLU B 190 -8.85 -17.22 -8.30
C GLU B 190 -8.79 -18.60 -7.61
N ASP B 191 -7.58 -18.97 -7.16
CA ASP B 191 -7.21 -20.20 -6.44
C ASP B 191 -7.84 -20.26 -5.01
N TYR B 192 -8.20 -19.10 -4.43
CA TYR B 192 -8.77 -19.05 -3.08
C TYR B 192 -9.83 -17.93 -2.90
N GLN B 193 -11.11 -18.28 -3.14
CA GLN B 193 -12.23 -17.36 -2.93
C GLN B 193 -12.95 -17.81 -1.67
N PHE B 194 -12.59 -17.20 -0.50
CA PHE B 194 -13.16 -17.55 0.80
C PHE B 194 -14.62 -17.17 0.98
N ASN B 195 -15.48 -18.19 1.24
CA ASN B 195 -16.92 -18.03 1.46
C ASN B 195 -17.45 -18.91 2.61
N GLY B 196 -16.58 -19.18 3.58
CA GLY B 196 -16.93 -19.95 4.78
C GLY B 196 -17.20 -19.03 5.95
N LEU B 197 -16.59 -19.33 7.11
CA LEU B 197 -16.75 -18.49 8.30
C LEU B 197 -15.46 -18.25 9.05
N ALA B 198 -15.01 -16.98 9.03
CA ALA B 198 -13.81 -16.54 9.72
C ALA B 198 -14.27 -15.91 11.03
N TRP B 199 -13.87 -16.48 12.17
CA TRP B 199 -14.22 -15.96 13.49
C TRP B 199 -12.96 -15.62 14.25
N LEU B 200 -12.83 -14.35 14.62
CA LEU B 200 -11.68 -13.89 15.37
C LEU B 200 -12.01 -13.49 16.81
N PHE B 201 -11.19 -13.99 17.75
CA PHE B 201 -11.28 -13.68 19.17
C PHE B 201 -9.93 -13.06 19.56
N LEU B 202 -9.90 -11.76 19.87
CA LEU B 202 -8.66 -11.08 20.24
C LEU B 202 -8.66 -10.56 21.65
N GLY B 203 -7.80 -11.15 22.48
CA GLY B 203 -7.64 -10.79 23.88
C GLY B 203 -6.47 -9.87 24.17
N VAL B 204 -6.78 -8.66 24.68
CA VAL B 204 -5.78 -7.67 25.08
C VAL B 204 -6.14 -7.05 26.46
N PRO B 205 -5.21 -6.43 27.21
CA PRO B 205 -5.60 -5.85 28.51
C PRO B 205 -6.47 -4.59 28.39
N THR B 206 -6.06 -3.63 27.52
CA THR B 206 -6.72 -2.34 27.31
C THR B 206 -7.13 -2.14 25.85
N SER B 207 -7.97 -1.13 25.56
CA SER B 207 -8.39 -0.77 24.19
C SER B 207 -7.20 -0.24 23.39
N SER B 208 -6.27 0.44 24.09
CA SER B 208 -5.03 1.00 23.52
C SER B 208 -4.04 -0.11 23.15
N SER B 209 -4.37 -1.35 23.52
CA SER B 209 -3.54 -2.53 23.20
C SER B 209 -4.14 -3.29 22.01
N LEU B 210 -5.36 -2.92 21.57
CA LEU B 210 -6.02 -3.55 20.42
C LEU B 210 -5.16 -3.37 19.18
N LEU B 211 -4.71 -4.49 18.61
CA LEU B 211 -3.84 -4.50 17.45
C LEU B 211 -4.65 -4.69 16.20
N TYR B 212 -4.47 -3.77 15.23
CA TYR B 212 -5.11 -3.77 13.90
C TYR B 212 -6.65 -3.73 13.92
N LYS B 213 -7.25 -3.16 15.02
CA LYS B 213 -8.70 -3.03 15.21
C LYS B 213 -9.39 -2.55 13.92
N GLU B 214 -8.82 -1.51 13.30
CA GLU B 214 -9.22 -0.84 12.05
C GLU B 214 -9.36 -1.81 10.88
N GLU B 215 -8.32 -2.63 10.64
CA GLU B 215 -8.26 -3.63 9.56
C GLU B 215 -9.42 -4.62 9.68
N PHE B 216 -9.63 -5.18 10.90
CA PHE B 216 -10.69 -6.14 11.21
C PHE B 216 -12.10 -5.54 11.11
N GLU B 217 -12.25 -4.24 11.44
CA GLU B 217 -13.54 -3.53 11.36
C GLU B 217 -13.93 -3.40 9.87
N LYS B 218 -12.97 -2.94 9.02
CA LYS B 218 -13.09 -2.80 7.56
C LYS B 218 -13.51 -4.15 6.95
N MET B 219 -12.95 -5.25 7.49
CA MET B 219 -13.22 -6.62 7.09
C MET B 219 -14.65 -7.04 7.42
N LYS B 220 -15.12 -6.79 8.68
CA LYS B 220 -16.48 -7.15 9.10
C LYS B 220 -17.54 -6.39 8.28
N GLU B 221 -17.29 -5.11 7.96
CA GLU B 221 -18.23 -4.36 7.15
C GLU B 221 -18.21 -4.79 5.67
N LYS B 222 -17.03 -5.20 5.14
CA LYS B 222 -16.87 -5.67 3.77
C LYS B 222 -17.53 -7.05 3.59
N ALA B 223 -17.25 -8.00 4.53
CA ALA B 223 -17.82 -9.35 4.54
C ALA B 223 -18.65 -9.62 5.81
N PRO B 224 -19.87 -9.06 5.94
CA PRO B 224 -20.66 -9.30 7.17
C PRO B 224 -21.05 -10.75 7.41
N GLU B 225 -21.38 -11.49 6.34
CA GLU B 225 -21.79 -12.89 6.42
C GLU B 225 -20.61 -13.82 6.68
N ASN B 226 -19.45 -13.57 6.05
CA ASN B 226 -18.25 -14.40 6.16
C ASN B 226 -17.35 -14.13 7.36
N PHE B 227 -17.29 -12.88 7.85
CA PHE B 227 -16.41 -12.54 8.99
C PHE B 227 -17.12 -12.14 10.28
N ARG B 228 -16.83 -12.89 11.37
CA ARG B 228 -17.31 -12.67 12.74
C ARG B 228 -16.13 -12.14 13.57
N LEU B 229 -16.36 -11.10 14.39
CA LEU B 229 -15.32 -10.48 15.19
C LEU B 229 -15.72 -10.26 16.67
N ASP B 230 -14.76 -10.53 17.59
CA ASP B 230 -14.93 -10.39 19.03
C ASP B 230 -13.65 -9.99 19.73
N PHE B 231 -13.74 -8.96 20.59
CA PHE B 231 -12.60 -8.45 21.35
C PHE B 231 -12.82 -8.64 22.84
N ALA B 232 -11.81 -9.17 23.52
CA ALA B 232 -11.87 -9.40 24.96
C ALA B 232 -10.80 -8.58 25.64
N VAL B 233 -11.25 -7.44 26.19
CA VAL B 233 -10.45 -6.43 26.87
C VAL B 233 -10.68 -6.62 28.36
N SER B 234 -9.79 -7.40 29.00
CA SER B 234 -9.85 -7.80 30.41
C SER B 234 -9.89 -6.66 31.44
N ARG B 235 -9.10 -5.60 31.22
CA ARG B 235 -9.03 -4.47 32.15
C ARG B 235 -10.19 -3.47 32.01
N GLU B 236 -10.91 -3.49 30.89
CA GLU B 236 -12.01 -2.54 30.64
C GLU B 236 -13.38 -3.20 30.64
N GLN B 237 -13.52 -4.34 29.98
CA GLN B 237 -14.78 -5.06 29.88
C GLN B 237 -14.98 -6.07 31.02
N VAL B 238 -16.24 -6.47 31.20
CA VAL B 238 -16.70 -7.39 32.25
C VAL B 238 -17.90 -8.19 31.67
N ASN B 239 -18.23 -9.36 32.25
CA ASN B 239 -19.38 -10.14 31.76
C ASN B 239 -20.64 -9.92 32.62
N ASP B 240 -21.66 -10.79 32.43
CA ASP B 240 -22.92 -10.74 33.18
C ASP B 240 -22.67 -10.99 34.67
N LYS B 241 -21.76 -11.95 34.98
CA LYS B 241 -21.33 -12.35 36.32
C LYS B 241 -20.30 -11.38 36.94
N GLY B 242 -19.82 -10.41 36.16
CA GLY B 242 -18.87 -9.40 36.59
C GLY B 242 -17.42 -9.84 36.63
N GLU B 243 -17.04 -10.81 35.80
CA GLU B 243 -15.66 -11.30 35.72
C GLU B 243 -14.91 -10.59 34.57
N LYS B 244 -13.59 -10.41 34.72
CA LYS B 244 -12.72 -9.76 33.74
C LYS B 244 -12.81 -10.45 32.39
N MET B 245 -13.06 -9.66 31.34
CA MET B 245 -13.24 -10.14 29.98
C MET B 245 -11.96 -10.63 29.33
N TYR B 246 -11.51 -11.86 29.68
CA TYR B 246 -10.37 -12.47 29.02
C TYR B 246 -10.95 -13.19 27.80
N ILE B 247 -10.09 -13.63 26.85
CA ILE B 247 -10.50 -14.34 25.63
C ILE B 247 -11.54 -15.46 25.90
N GLN B 248 -11.24 -16.41 26.81
CA GLN B 248 -12.12 -17.51 27.21
C GLN B 248 -13.48 -17.04 27.72
N THR B 249 -13.53 -15.87 28.42
CA THR B 249 -14.74 -15.25 28.97
C THR B 249 -15.62 -14.79 27.79
N ARG B 250 -14.99 -14.20 26.76
CA ARG B 250 -15.70 -13.75 25.58
C ARG B 250 -16.22 -14.95 24.79
N MET B 251 -15.41 -16.02 24.74
CA MET B 251 -15.74 -17.26 24.04
C MET B 251 -16.94 -17.94 24.66
N ALA B 252 -17.03 -17.89 26.00
CA ALA B 252 -18.11 -18.49 26.79
C ALA B 252 -19.50 -17.99 26.38
N GLN B 253 -19.58 -16.76 25.83
CA GLN B 253 -20.83 -16.14 25.37
C GLN B 253 -21.41 -16.87 24.15
N TYR B 254 -20.55 -17.63 23.44
CA TYR B 254 -20.91 -18.40 22.23
C TYR B 254 -20.53 -19.87 22.43
N ALA B 255 -20.25 -20.30 23.69
CA ALA B 255 -19.83 -21.65 24.07
C ALA B 255 -20.65 -22.78 23.45
N GLU B 256 -21.98 -22.64 23.47
CA GLU B 256 -22.92 -23.60 22.89
C GLU B 256 -22.77 -23.73 21.36
N GLU B 257 -22.66 -22.60 20.62
CA GLU B 257 -22.47 -22.66 19.17
C GLU B 257 -21.03 -23.02 18.76
N LEU B 258 -20.03 -22.62 19.59
CA LEU B 258 -18.61 -22.93 19.33
C LEU B 258 -18.35 -24.43 19.47
N TRP B 259 -19.07 -25.08 20.40
CA TRP B 259 -18.99 -26.52 20.65
C TRP B 259 -19.60 -27.31 19.48
N GLU B 260 -20.77 -26.86 19.01
CA GLU B 260 -21.50 -27.45 17.88
C GLU B 260 -20.75 -27.26 16.57
N LEU B 261 -19.95 -26.17 16.45
CA LEU B 261 -19.11 -25.88 15.29
C LEU B 261 -17.91 -26.81 15.26
N LEU B 262 -17.24 -27.00 16.42
CA LEU B 262 -16.07 -27.89 16.59
C LEU B 262 -16.37 -29.33 16.14
N LYS B 263 -17.63 -29.75 16.29
CA LYS B 263 -18.13 -31.07 15.90
C LYS B 263 -18.07 -31.29 14.39
N LYS B 264 -18.14 -30.20 13.57
CA LYS B 264 -18.10 -30.27 12.10
C LYS B 264 -16.71 -30.66 11.55
N ASP B 265 -16.69 -31.32 10.38
CA ASP B 265 -15.48 -31.76 9.70
C ASP B 265 -14.65 -30.60 9.09
N ASN B 266 -15.33 -29.51 8.66
CA ASN B 266 -14.72 -28.32 8.05
C ASN B 266 -14.35 -27.23 9.07
N THR B 267 -14.39 -27.54 10.38
CA THR B 267 -14.05 -26.58 11.43
C THR B 267 -12.57 -26.64 11.77
N PHE B 268 -11.89 -25.48 11.74
CA PHE B 268 -10.46 -25.34 12.00
C PHE B 268 -10.17 -24.25 13.03
N VAL B 269 -9.77 -24.68 14.24
CA VAL B 269 -9.46 -23.76 15.34
C VAL B 269 -7.95 -23.52 15.38
N TYR B 270 -7.58 -22.23 15.47
CA TYR B 270 -6.20 -21.76 15.54
C TYR B 270 -6.02 -20.88 16.78
N MET B 271 -4.98 -21.20 17.55
CA MET B 271 -4.64 -20.48 18.77
C MET B 271 -3.20 -20.02 18.73
N CYS B 272 -2.98 -18.72 18.92
CA CYS B 272 -1.65 -18.12 18.88
C CYS B 272 -1.59 -16.99 19.90
N GLY B 273 -0.41 -16.79 20.48
CA GLY B 273 -0.20 -15.76 21.47
C GLY B 273 0.63 -16.20 22.65
N LEU B 274 0.39 -15.58 23.83
CA LEU B 274 1.15 -15.89 25.03
C LEU B 274 0.72 -17.17 25.73
N LYS B 275 1.73 -18.01 26.03
CA LYS B 275 1.73 -19.30 26.73
C LYS B 275 0.53 -19.53 27.66
N GLY B 276 0.27 -18.58 28.56
CA GLY B 276 -0.80 -18.64 29.55
C GLY B 276 -2.23 -18.81 29.06
N MET B 277 -2.52 -18.26 27.86
CA MET B 277 -3.85 -18.29 27.24
C MET B 277 -4.47 -19.66 27.02
N GLU B 278 -3.64 -20.71 26.86
CA GLU B 278 -4.09 -22.08 26.64
C GLU B 278 -4.89 -22.65 27.83
N LYS B 279 -4.41 -22.42 29.07
CA LYS B 279 -5.05 -22.90 30.31
C LYS B 279 -6.49 -22.39 30.44
N GLY B 280 -6.69 -21.10 30.19
CA GLY B 280 -8.00 -20.46 30.27
C GLY B 280 -9.03 -21.00 29.31
N ILE B 281 -8.60 -21.24 28.07
CA ILE B 281 -9.45 -21.76 27.01
C ILE B 281 -9.85 -23.22 27.25
N ASP B 282 -8.87 -24.11 27.54
CA ASP B 282 -9.15 -25.52 27.85
C ASP B 282 -10.09 -25.62 29.05
N ASP B 283 -9.94 -24.71 30.04
CA ASP B 283 -10.80 -24.66 31.23
C ASP B 283 -12.26 -24.54 30.81
N ILE B 284 -12.57 -23.61 29.87
CA ILE B 284 -13.93 -23.42 29.32
C ILE B 284 -14.31 -24.62 28.44
N MET B 285 -13.34 -25.10 27.65
CA MET B 285 -13.51 -26.24 26.77
C MET B 285 -13.82 -27.56 27.50
N VAL B 286 -13.39 -27.66 28.78
CA VAL B 286 -13.61 -28.82 29.64
C VAL B 286 -15.08 -28.91 30.03
N SER B 287 -15.67 -27.78 30.49
CA SER B 287 -17.09 -27.68 30.87
C SER B 287 -17.97 -28.02 29.66
N LEU B 288 -17.63 -27.46 28.47
CA LEU B 288 -18.37 -27.71 27.23
C LEU B 288 -18.37 -29.21 26.90
N ALA B 289 -17.18 -29.86 26.97
CA ALA B 289 -16.99 -31.28 26.70
C ALA B 289 -17.63 -32.22 27.73
N ALA B 290 -17.60 -31.83 29.02
CA ALA B 290 -18.20 -32.60 30.11
C ALA B 290 -19.70 -32.72 29.93
N LYS B 291 -20.38 -31.63 29.49
CA LYS B 291 -21.82 -31.59 29.24
C LYS B 291 -22.32 -32.76 28.38
N ASP B 292 -21.46 -33.28 27.46
CA ASP B 292 -21.79 -34.40 26.58
C ASP B 292 -21.17 -35.73 27.05
N GLY B 293 -20.28 -35.65 28.03
CA GLY B 293 -19.59 -36.81 28.60
C GLY B 293 -18.23 -37.09 27.97
N ILE B 294 -17.67 -36.10 27.29
CA ILE B 294 -16.36 -36.24 26.64
C ILE B 294 -15.27 -35.60 27.50
N ASP B 295 -14.12 -36.27 27.57
CA ASP B 295 -12.93 -35.77 28.24
C ASP B 295 -12.24 -34.86 27.21
N TRP B 296 -12.16 -33.54 27.49
CA TRP B 296 -11.57 -32.55 26.59
C TRP B 296 -10.09 -32.78 26.28
N ILE B 297 -9.36 -33.44 27.19
CA ILE B 297 -7.94 -33.73 26.97
C ILE B 297 -7.77 -34.78 25.85
N GLU B 298 -8.60 -35.85 25.90
CA GLU B 298 -8.58 -36.90 24.86
C GLU B 298 -9.32 -36.44 23.59
N TYR B 299 -10.21 -35.44 23.70
CA TYR B 299 -10.94 -34.90 22.55
C TYR B 299 -10.05 -33.95 21.78
N LYS B 300 -9.31 -33.05 22.48
CA LYS B 300 -8.42 -32.12 21.78
C LYS B 300 -7.22 -32.84 21.15
N ARG B 301 -6.88 -34.04 21.66
CA ARG B 301 -5.82 -34.88 21.10
C ARG B 301 -6.26 -35.41 19.73
N THR B 302 -7.55 -35.82 19.62
CA THR B 302 -8.22 -36.31 18.41
C THR B 302 -8.28 -35.21 17.34
N LEU B 303 -8.67 -33.98 17.75
CA LEU B 303 -8.76 -32.80 16.87
C LEU B 303 -7.38 -32.39 16.37
N LYS B 304 -6.36 -32.38 17.27
CA LYS B 304 -4.97 -32.03 16.95
C LYS B 304 -4.37 -32.96 15.89
N LYS B 305 -4.67 -34.27 15.98
CA LYS B 305 -4.22 -35.25 15.02
C LYS B 305 -4.95 -35.08 13.68
N ALA B 306 -6.19 -34.55 13.74
CA ALA B 306 -7.03 -34.30 12.57
C ALA B 306 -6.77 -32.94 11.91
N GLU B 307 -5.76 -32.18 12.43
CA GLU B 307 -5.34 -30.84 11.98
C GLU B 307 -6.39 -29.75 12.28
N GLN B 308 -7.48 -30.10 12.97
CA GLN B 308 -8.58 -29.19 13.28
C GLN B 308 -8.35 -28.26 14.46
N TRP B 309 -7.41 -28.59 15.37
CA TRP B 309 -7.06 -27.75 16.54
C TRP B 309 -5.58 -27.43 16.48
N ASN B 310 -5.25 -26.17 16.18
CA ASN B 310 -3.86 -25.75 15.98
C ASN B 310 -3.45 -24.71 16.99
N VAL B 311 -2.32 -24.93 17.63
CA VAL B 311 -1.81 -24.08 18.70
C VAL B 311 -0.37 -23.68 18.43
N GLU B 312 -0.05 -22.42 18.76
CA GLU B 312 1.29 -21.85 18.68
C GLU B 312 1.38 -20.72 19.69
N VAL B 313 1.68 -21.07 20.95
CA VAL B 313 1.82 -20.14 22.08
C VAL B 313 3.29 -20.05 22.53
N TYR B 314 3.66 -18.94 23.20
CA TYR B 314 5.05 -18.68 23.60
C TYR B 314 5.17 -17.87 24.90
N TRP B 315 6.33 -17.99 25.56
CA TRP B 315 6.68 -17.35 26.82
C TRP B 315 6.71 -15.82 26.73
#